data_1TVY
#
_entry.id   1TVY
#
_cell.length_a   50.476
_cell.length_b   93.894
_cell.length_c   145.054
_cell.angle_alpha   90.00
_cell.angle_beta   90.00
_cell.angle_gamma   90.00
#
_symmetry.space_group_name_H-M   'P 21 21 21'
#
loop_
_entity.id
_entity.type
_entity.pdbx_description
1 polymer 'Beta-1,4-galactosyltransferase 1'
2 non-polymer "GALACTOSE-URIDINE-5'-DIPHOSPHATE"
3 non-polymer 'MANGANESE (II) ION'
4 non-polymer 'SULFATE ION'
5 non-polymer '2-(N-MORPHOLINO)-ETHANESULFONIC ACID'
6 water water
#
_entity_poly.entity_id   1
_entity_poly.type   'polypeptide(L)'
_entity_poly.pdbx_seq_one_letter_code
;ASMTGGQQMGRGSSLTACPEESPLLVGPMLIEFNIPVDLKLVEQQNPKVKLGGRYTPMDCISPHKVAIIIPFRNRQEHLK
YWLYYLHPILQRQQLDYGIYVINQAGESMFNRAKLLNVGFKEALKDYDYNCFVFSDVDLIPMNDHNTYRCFSQPRHISVA
MDKFGFSLPYVQYFGGVSALSKQQFLSINGFPNNYWGWGGEDDDIYNRLAFRGMSVSRPNAVIGKTRHIRHSRDKKNEPN
PQRFDRIAHTKETMLSDGLNSLTYMVLEVQRYPLYTKITVDIGTPS
;
_entity_poly.pdbx_strand_id   A,B
#
loop_
_chem_comp.id
_chem_comp.type
_chem_comp.name
_chem_comp.formula
GDU non-polymer GALACTOSE-URIDINE-5'-DIPHOSPHATE 'C15 H24 N2 O17 P2'
MES non-polymer '2-(N-MORPHOLINO)-ETHANESULFONIC ACID' 'C6 H13 N O4 S'
MN non-polymer 'MANGANESE (II) ION' 'Mn 2'
SO4 non-polymer 'SULFATE ION' 'O4 S -2'
#
# COMPACT_ATOMS: atom_id res chain seq x y z
N LEU A 15 -15.14 -12.80 23.80
CA LEU A 15 -13.82 -12.37 24.34
C LEU A 15 -13.91 -11.06 25.12
N THR A 16 -13.15 -10.96 26.20
CA THR A 16 -13.17 -9.75 27.02
C THR A 16 -11.93 -8.88 26.84
N ALA A 17 -12.05 -7.62 27.28
CA ALA A 17 -10.94 -6.67 27.19
C ALA A 17 -9.77 -7.19 28.01
N CYS A 18 -8.57 -7.18 27.42
CA CYS A 18 -7.37 -7.64 28.12
C CYS A 18 -7.20 -6.87 29.44
N PRO A 19 -6.54 -7.49 30.43
CA PRO A 19 -6.34 -6.80 31.70
C PRO A 19 -5.54 -5.52 31.50
N GLU A 20 -5.58 -4.62 32.48
CA GLU A 20 -4.83 -3.38 32.38
C GLU A 20 -3.34 -3.68 32.39
N GLU A 21 -2.95 -4.67 33.20
CA GLU A 21 -1.56 -5.09 33.28
C GLU A 21 -1.51 -6.55 32.80
N SER A 22 -0.70 -6.80 31.78
CA SER A 22 -0.59 -8.15 31.26
C SER A 22 -0.13 -9.07 32.38
N PRO A 23 -0.74 -10.25 32.49
CA PRO A 23 -0.32 -11.16 33.54
C PRO A 23 0.88 -12.00 33.11
N LEU A 24 1.36 -11.80 31.89
CA LEU A 24 2.50 -12.56 31.36
C LEU A 24 3.89 -11.90 31.53
N LEU A 25 3.92 -10.65 31.96
CA LEU A 25 5.18 -9.92 32.16
C LEU A 25 6.16 -10.59 33.13
N VAL A 26 7.45 -10.53 32.79
CA VAL A 26 8.46 -11.11 33.67
C VAL A 26 9.39 -10.06 34.31
N GLY A 27 9.16 -8.78 34.01
CA GLY A 27 9.99 -7.71 34.56
C GLY A 27 11.32 -7.56 33.84
N PRO A 28 12.45 -7.45 34.57
CA PRO A 28 13.77 -7.29 33.96
C PRO A 28 14.21 -8.51 33.17
N MET A 29 14.95 -8.27 32.10
CA MET A 29 15.44 -9.33 31.23
C MET A 29 16.89 -9.01 30.87
N LEU A 30 17.63 -10.03 30.48
CA LEU A 30 19.04 -9.85 30.11
C LEU A 30 19.10 -9.50 28.61
N ILE A 31 19.72 -8.39 28.28
CA ILE A 31 19.85 -7.94 26.89
C ILE A 31 21.32 -7.81 26.51
N GLU A 32 21.78 -8.60 25.53
CA GLU A 32 23.17 -8.53 25.11
C GLU A 32 23.31 -8.72 23.60
N PHE A 33 24.31 -8.08 23.00
CA PHE A 33 24.48 -8.15 21.56
C PHE A 33 25.75 -8.76 21.01
N ASN A 34 26.30 -9.77 21.69
CA ASN A 34 27.51 -10.40 21.15
C ASN A 34 27.09 -11.72 20.53
N ILE A 35 25.83 -12.08 20.77
CA ILE A 35 25.28 -13.31 20.24
C ILE A 35 24.75 -13.13 18.82
N PRO A 36 25.09 -14.06 17.92
CA PRO A 36 24.62 -13.96 16.53
C PRO A 36 23.16 -14.43 16.46
N VAL A 37 22.36 -13.86 15.56
CA VAL A 37 20.96 -14.27 15.48
C VAL A 37 20.51 -14.82 14.14
N ASP A 38 19.50 -15.68 14.22
CA ASP A 38 18.95 -16.33 13.04
C ASP A 38 17.45 -16.06 13.02
N LEU A 39 17.02 -15.22 12.07
CA LEU A 39 15.60 -14.90 11.98
C LEU A 39 14.73 -16.15 11.79
N LYS A 40 15.30 -17.22 11.22
CA LYS A 40 14.54 -18.47 11.03
C LYS A 40 14.09 -18.99 12.40
N LEU A 41 15.05 -19.10 13.30
CA LEU A 41 14.78 -19.56 14.66
C LEU A 41 13.78 -18.60 15.30
N VAL A 42 13.98 -17.30 15.09
CA VAL A 42 13.08 -16.30 15.65
C VAL A 42 11.64 -16.52 15.18
N GLU A 43 11.46 -16.74 13.89
CA GLU A 43 10.13 -16.98 13.33
C GLU A 43 9.51 -18.24 13.97
N GLN A 44 10.35 -19.25 14.13
CA GLN A 44 9.94 -20.52 14.71
C GLN A 44 9.52 -20.34 16.17
N GLN A 45 10.34 -19.62 16.92
CA GLN A 45 10.10 -19.36 18.34
C GLN A 45 8.94 -18.40 18.59
N ASN A 46 8.32 -17.92 17.53
CA ASN A 46 7.20 -17.00 17.65
C ASN A 46 6.15 -17.35 16.60
N PRO A 47 5.67 -18.60 16.64
CA PRO A 47 4.65 -19.08 15.69
C PRO A 47 3.38 -18.25 15.67
N LYS A 48 3.14 -17.53 16.76
CA LYS A 48 1.94 -16.71 16.85
C LYS A 48 2.01 -15.45 15.97
N VAL A 49 3.22 -15.09 15.56
CA VAL A 49 3.40 -13.91 14.73
C VAL A 49 3.14 -14.21 13.25
N LYS A 50 2.15 -13.51 12.69
CA LYS A 50 1.75 -13.70 11.31
C LYS A 50 2.51 -12.80 10.35
N LEU A 51 2.54 -13.22 9.10
CA LEU A 51 3.20 -12.53 8.01
C LEU A 51 3.16 -11.01 8.13
N GLY A 52 4.31 -10.38 7.92
CA GLY A 52 4.41 -8.93 8.04
C GLY A 52 4.64 -8.55 9.49
N GLY A 53 4.95 -9.53 10.31
CA GLY A 53 5.18 -9.28 11.72
C GLY A 53 3.94 -8.79 12.42
N ARG A 54 2.78 -9.35 12.08
CA ARG A 54 1.54 -8.94 12.71
C ARG A 54 1.18 -9.89 13.84
N TYR A 55 0.64 -9.35 14.91
CA TYR A 55 0.25 -10.18 16.03
C TYR A 55 -1.02 -9.64 16.67
N THR A 56 -1.93 -10.55 16.99
CA THR A 56 -3.18 -10.20 17.65
C THR A 56 -3.44 -11.20 18.77
N PRO A 57 -3.62 -10.70 19.99
CA PRO A 57 -3.89 -11.57 21.15
C PRO A 57 -5.06 -12.53 20.88
N MET A 58 -4.91 -13.75 21.35
CA MET A 58 -5.92 -14.78 21.16
C MET A 58 -6.90 -14.86 22.33
N ASP A 59 -6.39 -14.70 23.56
CA ASP A 59 -7.23 -14.81 24.76
C ASP A 59 -8.09 -13.59 25.11
N CYS A 60 -7.75 -12.42 24.58
CA CYS A 60 -8.52 -11.23 24.91
C CYS A 60 -8.49 -10.15 23.83
N ILE A 61 -9.30 -9.12 24.03
CA ILE A 61 -9.39 -8.01 23.09
C ILE A 61 -8.52 -6.85 23.55
N SER A 62 -7.34 -6.70 22.92
CA SER A 62 -6.45 -5.61 23.28
C SER A 62 -6.96 -4.32 22.65
N PRO A 63 -6.97 -3.22 23.41
CA PRO A 63 -7.44 -1.92 22.91
C PRO A 63 -6.31 -1.12 22.25
N HIS A 64 -5.13 -1.71 22.21
CA HIS A 64 -3.97 -1.04 21.64
C HIS A 64 -3.63 -1.62 20.30
N LYS A 65 -4.01 -0.91 19.25
CA LYS A 65 -3.71 -1.35 17.89
C LYS A 65 -2.45 -0.53 17.54
N VAL A 66 -1.31 -1.14 17.83
CA VAL A 66 -0.02 -0.52 17.65
C VAL A 66 0.77 -0.78 16.39
N ALA A 67 1.06 0.30 15.68
CA ALA A 67 1.88 0.23 14.49
C ALA A 67 3.26 0.66 14.99
N ILE A 68 4.23 -0.23 14.87
CA ILE A 68 5.58 0.08 15.33
C ILE A 68 6.43 0.43 14.11
N ILE A 69 6.84 1.70 14.04
CA ILE A 69 7.62 2.26 12.94
C ILE A 69 9.12 2.35 13.21
N ILE A 70 9.90 1.81 12.29
CA ILE A 70 11.34 1.84 12.43
C ILE A 70 12.05 2.46 11.24
N PRO A 71 12.64 3.67 11.43
CA PRO A 71 13.37 4.38 10.37
C PRO A 71 14.57 3.49 10.04
N PHE A 72 14.89 3.31 8.77
CA PHE A 72 15.92 2.33 8.42
C PHE A 72 16.67 2.51 7.10
N ARG A 73 17.96 2.16 7.15
CA ARG A 73 18.85 2.12 6.00
C ARG A 73 20.13 1.43 6.43
N ASN A 74 20.43 0.28 5.83
CA ASN A 74 21.66 -0.45 6.11
C ASN A 74 21.89 -0.77 7.59
N ARG A 75 20.89 -1.36 8.25
CA ARG A 75 21.00 -1.71 9.66
C ARG A 75 20.37 -3.08 9.89
N GLN A 76 20.64 -3.99 8.95
CA GLN A 76 20.08 -5.34 9.00
C GLN A 76 20.43 -6.10 10.28
N GLU A 77 21.70 -6.03 10.71
CA GLU A 77 22.12 -6.72 11.94
C GLU A 77 21.40 -6.20 13.18
N HIS A 78 21.23 -4.88 13.27
CA HIS A 78 20.54 -4.31 14.43
C HIS A 78 19.11 -4.80 14.43
N LEU A 79 18.47 -4.71 13.25
CA LEU A 79 17.09 -5.15 13.09
C LEU A 79 16.95 -6.57 13.63
N LYS A 80 17.91 -7.42 13.26
CA LYS A 80 17.91 -8.81 13.69
C LYS A 80 17.72 -8.89 15.19
N TYR A 81 18.58 -8.20 15.95
CA TYR A 81 18.47 -8.19 17.41
C TYR A 81 17.15 -7.59 17.84
N TRP A 82 16.79 -6.46 17.23
CA TRP A 82 15.54 -5.80 17.57
C TRP A 82 14.37 -6.80 17.50
N LEU A 83 14.30 -7.52 16.38
CA LEU A 83 13.23 -8.48 16.17
C LEU A 83 13.32 -9.62 17.17
N TYR A 84 14.55 -10.15 17.32
CA TYR A 84 14.82 -11.23 18.26
C TYR A 84 14.28 -10.90 19.66
N TYR A 85 14.57 -9.69 20.15
CA TYR A 85 14.09 -9.31 21.48
C TYR A 85 12.67 -8.79 21.61
N LEU A 86 12.27 -7.91 20.71
CA LEU A 86 10.94 -7.31 20.80
C LEU A 86 9.71 -8.19 20.58
N HIS A 87 9.71 -9.02 19.56
CA HIS A 87 8.52 -9.86 19.34
C HIS A 87 8.03 -10.59 20.59
N PRO A 88 8.94 -11.30 21.29
CA PRO A 88 8.49 -12.01 22.49
C PRO A 88 7.88 -11.03 23.50
N ILE A 89 8.49 -9.87 23.64
CA ILE A 89 8.03 -8.86 24.58
C ILE A 89 6.68 -8.25 24.21
N LEU A 90 6.52 -7.88 22.94
CA LEU A 90 5.28 -7.26 22.50
C LEU A 90 4.11 -8.24 22.66
N GLN A 91 4.39 -9.53 22.51
CA GLN A 91 3.35 -10.55 22.68
C GLN A 91 2.98 -10.62 24.16
N ARG A 92 3.99 -10.65 25.04
CA ARG A 92 3.72 -10.69 26.49
C ARG A 92 2.98 -9.42 26.91
N GLN A 93 3.16 -8.33 26.20
CA GLN A 93 2.48 -7.10 26.56
C GLN A 93 1.03 -7.07 26.07
N GLN A 94 0.60 -8.15 25.43
CA GLN A 94 -0.76 -8.29 24.92
C GLN A 94 -1.23 -7.13 24.04
N LEU A 95 -0.44 -6.84 23.01
CA LEU A 95 -0.76 -5.76 22.10
C LEU A 95 -1.15 -6.33 20.74
N ASP A 96 -1.99 -5.59 20.01
CA ASP A 96 -2.43 -5.98 18.68
C ASP A 96 -1.50 -5.10 17.84
N TYR A 97 -0.37 -5.67 17.44
CA TYR A 97 0.66 -4.88 16.76
C TYR A 97 1.18 -5.34 15.41
N GLY A 98 1.87 -4.42 14.75
CA GLY A 98 2.47 -4.68 13.46
C GLY A 98 3.82 -3.98 13.33
N ILE A 99 4.77 -4.65 12.70
CA ILE A 99 6.10 -4.08 12.54
C ILE A 99 6.38 -3.49 11.16
N TYR A 100 6.73 -2.21 11.13
CA TYR A 100 7.03 -1.51 9.88
C TYR A 100 8.43 -0.93 9.82
N VAL A 101 9.25 -1.49 8.93
CA VAL A 101 10.61 -1.03 8.70
C VAL A 101 10.55 -0.12 7.47
N ILE A 102 10.76 1.19 7.67
CA ILE A 102 10.73 2.15 6.58
C ILE A 102 12.15 2.36 6.06
N ASN A 103 12.49 1.62 5.00
CA ASN A 103 13.80 1.67 4.41
C ASN A 103 13.97 2.79 3.39
N GLN A 104 14.92 3.68 3.67
CA GLN A 104 15.18 4.80 2.78
C GLN A 104 15.97 4.40 1.55
N ALA A 105 15.32 4.48 0.39
CA ALA A 105 15.97 4.16 -0.88
C ALA A 105 17.04 5.22 -1.20
N GLY A 106 18.02 4.87 -2.02
CA GLY A 106 19.05 5.82 -2.39
C GLY A 106 20.20 5.99 -1.41
N GLU A 107 21.09 6.93 -1.71
CA GLU A 107 22.25 7.16 -0.86
C GLU A 107 22.38 8.61 -0.49
N SER A 108 21.27 9.32 -0.43
CA SER A 108 21.32 10.73 -0.06
C SER A 108 21.23 10.80 1.45
N MET A 109 21.25 12.02 1.98
CA MET A 109 21.16 12.24 3.42
C MET A 109 19.97 11.52 4.07
N PHE A 110 20.22 10.87 5.20
CA PHE A 110 19.20 10.18 5.96
C PHE A 110 18.19 11.17 6.53
N ASN A 111 16.92 10.80 6.58
CA ASN A 111 15.91 11.69 7.15
C ASN A 111 14.98 10.88 8.05
N ARG A 112 15.41 10.74 9.30
CA ARG A 112 14.67 9.95 10.28
C ARG A 112 13.23 10.34 10.45
N ALA A 113 12.99 11.62 10.74
CA ALA A 113 11.63 12.10 10.97
C ALA A 113 10.72 11.87 9.77
N LYS A 114 11.20 12.16 8.56
CA LYS A 114 10.38 11.98 7.36
C LYS A 114 9.96 10.52 7.17
N LEU A 115 10.89 9.60 7.40
CA LEU A 115 10.64 8.17 7.30
C LEU A 115 9.54 7.77 8.30
N LEU A 116 9.55 8.38 9.49
CA LEU A 116 8.54 8.06 10.49
C LEU A 116 7.16 8.48 10.00
N ASN A 117 7.11 9.61 9.31
CA ASN A 117 5.85 10.12 8.77
C ASN A 117 5.34 9.11 7.75
N VAL A 118 6.22 8.69 6.86
CA VAL A 118 5.84 7.71 5.85
C VAL A 118 5.27 6.49 6.59
N GLY A 119 5.96 6.09 7.64
CA GLY A 119 5.51 4.93 8.41
C GLY A 119 4.07 5.07 8.87
N PHE A 120 3.77 6.24 9.43
CA PHE A 120 2.44 6.54 9.91
C PHE A 120 1.41 6.35 8.79
N LYS A 121 1.68 6.96 7.63
CA LYS A 121 0.73 6.86 6.54
C LYS A 121 0.57 5.47 5.97
N GLU A 122 1.68 4.81 5.67
CA GLU A 122 1.63 3.48 5.09
C GLU A 122 1.04 2.43 6.01
N ALA A 123 1.29 2.55 7.31
CA ALA A 123 0.76 1.58 8.25
C ALA A 123 -0.75 1.65 8.31
N LEU A 124 -1.29 2.86 8.27
CA LEU A 124 -2.74 3.05 8.32
C LEU A 124 -3.48 2.42 7.13
N LYS A 125 -2.77 2.19 6.03
CA LYS A 125 -3.40 1.57 4.86
C LYS A 125 -3.64 0.08 5.10
N ASP A 126 -2.89 -0.49 6.04
CA ASP A 126 -2.96 -1.90 6.40
C ASP A 126 -4.00 -2.28 7.45
N TYR A 127 -4.20 -1.40 8.42
CA TYR A 127 -5.09 -1.73 9.53
C TYR A 127 -5.49 -0.47 10.28
N ASP A 128 -6.58 -0.55 11.05
CA ASP A 128 -7.05 0.60 11.81
C ASP A 128 -6.26 0.84 13.10
N TYR A 129 -4.95 1.00 12.97
CA TYR A 129 -4.11 1.27 14.14
C TYR A 129 -4.58 2.58 14.79
N ASN A 130 -4.49 2.65 16.11
CA ASN A 130 -4.87 3.87 16.82
C ASN A 130 -3.70 4.36 17.65
N CYS A 131 -2.59 3.64 17.56
CA CYS A 131 -1.40 3.96 18.33
C CYS A 131 -0.13 3.71 17.52
N PHE A 132 0.82 4.63 17.63
CA PHE A 132 2.07 4.51 16.90
C PHE A 132 3.31 4.60 17.76
N VAL A 133 4.14 3.56 17.68
CA VAL A 133 5.37 3.56 18.43
C VAL A 133 6.48 3.79 17.44
N PHE A 134 7.25 4.85 17.65
CA PHE A 134 8.37 5.18 16.77
C PHE A 134 9.65 4.77 17.49
N SER A 135 10.37 3.82 16.90
CA SER A 135 11.57 3.32 17.53
C SER A 135 12.83 3.19 16.69
N ASP A 136 13.96 3.60 17.24
CA ASP A 136 15.23 3.44 16.52
C ASP A 136 15.42 1.93 16.42
N VAL A 137 16.10 1.49 15.38
CA VAL A 137 16.34 0.07 15.16
C VAL A 137 17.30 -0.56 16.16
N ASP A 138 17.95 0.29 16.94
CA ASP A 138 18.98 -0.18 17.86
C ASP A 138 18.73 -0.02 19.36
N LEU A 139 17.46 0.11 19.76
CA LEU A 139 17.12 0.30 21.17
C LEU A 139 16.20 -0.82 21.62
N ILE A 140 16.62 -1.55 22.64
CA ILE A 140 15.88 -2.69 23.19
C ILE A 140 15.49 -2.48 24.66
N PRO A 141 14.21 -2.60 25.01
CA PRO A 141 13.83 -2.39 26.41
C PRO A 141 14.34 -3.53 27.30
N MET A 142 14.79 -3.19 28.52
CA MET A 142 15.31 -4.18 29.46
C MET A 142 14.23 -4.67 30.44
N ASN A 143 13.03 -4.11 30.37
CA ASN A 143 11.97 -4.51 31.29
C ASN A 143 10.64 -4.49 30.55
N ASP A 144 10.00 -5.65 30.39
CA ASP A 144 8.74 -5.69 29.64
C ASP A 144 7.58 -4.95 30.31
N HIS A 145 7.81 -4.33 31.46
CA HIS A 145 6.74 -3.55 32.10
C HIS A 145 6.67 -2.18 31.40
N ASN A 146 7.67 -1.90 30.56
CA ASN A 146 7.77 -0.66 29.79
C ASN A 146 6.98 -0.90 28.50
N THR A 147 5.66 -0.79 28.61
CA THR A 147 4.72 -1.07 27.54
C THR A 147 4.84 -0.20 26.31
N TYR A 148 4.99 -0.86 25.17
CA TYR A 148 5.09 -0.18 23.90
C TYR A 148 3.69 0.16 23.39
N ARG A 149 3.02 1.09 24.08
CA ARG A 149 1.66 1.51 23.71
C ARG A 149 1.52 3.00 23.93
N CYS A 150 0.32 3.50 23.67
CA CYS A 150 0.06 4.93 23.84
C CYS A 150 -0.60 5.24 25.17
N PHE A 151 -0.46 6.48 25.62
CA PHE A 151 -1.02 6.90 26.90
C PHE A 151 -1.80 8.18 26.74
N SER A 152 -2.36 8.67 27.84
CA SER A 152 -3.12 9.92 27.83
C SER A 152 -2.35 11.06 27.21
N GLN A 153 -1.02 10.95 27.28
CA GLN A 153 -0.13 11.97 26.77
C GLN A 153 0.97 11.30 25.97
N PRO A 154 1.59 12.04 25.04
CA PRO A 154 2.67 11.50 24.21
C PRO A 154 3.62 10.77 25.16
N ARG A 155 4.08 9.60 24.75
CA ARG A 155 4.92 8.78 25.59
C ARG A 155 6.37 8.67 25.19
N HIS A 156 7.28 9.01 26.09
CA HIS A 156 8.71 8.86 25.81
C HIS A 156 9.03 7.51 26.46
N ILE A 157 9.40 6.53 25.63
CA ILE A 157 9.65 5.17 26.11
C ILE A 157 11.06 4.79 26.54
N SER A 158 12.08 5.25 25.80
CA SER A 158 13.48 4.92 26.12
C SER A 158 14.07 6.00 27.03
N VAL A 159 13.49 6.11 28.23
CA VAL A 159 13.88 7.12 29.19
C VAL A 159 15.22 6.90 29.90
N ALA A 160 15.65 5.66 30.03
CA ALA A 160 16.91 5.35 30.74
C ALA A 160 17.82 4.50 29.87
N MET A 161 18.52 5.15 28.95
CA MET A 161 19.40 4.47 28.02
C MET A 161 20.78 4.22 28.64
N ASP A 162 21.29 3.01 28.48
CA ASP A 162 22.60 2.72 29.04
C ASP A 162 23.67 3.65 28.42
N LYS A 163 23.47 4.09 27.17
CA LYS A 163 24.45 5.00 26.55
C LYS A 163 24.46 6.37 27.26
N PHE A 164 23.43 6.63 28.05
CA PHE A 164 23.39 7.87 28.80
C PHE A 164 23.41 7.51 30.28
N GLY A 165 23.94 6.33 30.59
CA GLY A 165 24.04 5.87 31.97
C GLY A 165 22.73 5.83 32.73
N PHE A 166 21.64 5.46 32.05
CA PHE A 166 20.33 5.38 32.67
C PHE A 166 19.74 6.74 33.08
N SER A 167 20.38 7.83 32.66
CA SER A 167 19.87 9.17 32.94
C SER A 167 19.23 9.78 31.68
N LEU A 168 18.31 10.72 31.85
CA LEU A 168 17.70 11.43 30.72
C LEU A 168 18.73 12.53 30.46
N PRO A 169 19.21 12.69 29.20
CA PRO A 169 20.20 13.74 28.92
C PRO A 169 19.77 15.16 29.32
N TYR A 170 18.46 15.39 29.27
CA TYR A 170 17.85 16.66 29.70
C TYR A 170 16.36 16.35 29.74
N VAL A 171 15.63 17.04 30.61
CA VAL A 171 14.23 16.77 30.79
C VAL A 171 13.35 16.82 29.53
N GLN A 172 13.78 17.50 28.46
CA GLN A 172 12.95 17.55 27.26
C GLN A 172 13.37 16.55 26.18
N TYR A 173 14.25 15.61 26.52
CA TYR A 173 14.72 14.64 25.55
C TYR A 173 13.61 13.69 25.11
N PHE A 174 13.42 13.61 23.79
CA PHE A 174 12.38 12.78 23.23
C PHE A 174 12.95 11.85 22.15
N GLY A 175 14.26 11.56 22.22
CA GLY A 175 14.85 10.70 21.22
C GLY A 175 14.74 9.23 21.59
N GLY A 176 15.10 8.35 20.65
CA GLY A 176 15.08 6.92 20.90
C GLY A 176 13.81 6.17 20.58
N VAL A 177 12.96 5.98 21.58
CA VAL A 177 11.68 5.30 21.41
C VAL A 177 10.59 6.16 22.03
N SER A 178 9.52 6.36 21.28
CA SER A 178 8.39 7.18 21.71
C SER A 178 7.08 6.67 21.13
N ALA A 179 5.97 7.14 21.69
CA ALA A 179 4.68 6.72 21.19
C ALA A 179 3.65 7.84 21.26
N LEU A 180 2.90 7.96 20.18
CA LEU A 180 1.81 8.94 20.10
C LEU A 180 0.62 8.19 19.54
N SER A 181 -0.56 8.55 20.03
CA SER A 181 -1.79 7.92 19.54
C SER A 181 -2.08 8.61 18.21
N LYS A 182 -2.96 8.03 17.42
CA LYS A 182 -3.31 8.62 16.13
C LYS A 182 -3.67 10.10 16.27
N GLN A 183 -4.53 10.41 17.23
CA GLN A 183 -4.94 11.79 17.43
C GLN A 183 -3.86 12.70 17.91
N GLN A 184 -3.01 12.23 18.81
CA GLN A 184 -1.91 13.07 19.29
C GLN A 184 -1.03 13.42 18.09
N PHE A 185 -0.69 12.40 17.29
CA PHE A 185 0.15 12.57 16.12
C PHE A 185 -0.47 13.59 15.17
N LEU A 186 -1.75 13.41 14.89
CA LEU A 186 -2.48 14.30 13.99
C LEU A 186 -2.53 15.74 14.48
N SER A 187 -2.66 15.92 15.79
CA SER A 187 -2.77 17.26 16.36
C SER A 187 -1.53 18.14 16.18
N ILE A 188 -0.38 17.52 15.95
CA ILE A 188 0.84 18.30 15.75
C ILE A 188 1.26 18.31 14.27
N ASN A 189 0.35 17.90 13.39
CA ASN A 189 0.64 17.80 11.94
C ASN A 189 1.80 16.82 11.72
N GLY A 190 1.85 15.79 12.55
CA GLY A 190 2.88 14.79 12.43
C GLY A 190 4.26 15.34 12.78
N PHE A 191 5.29 14.72 12.22
CA PHE A 191 6.65 15.14 12.47
C PHE A 191 7.16 15.98 11.31
N PRO A 192 8.25 16.71 11.52
CA PRO A 192 8.75 17.52 10.40
C PRO A 192 9.42 16.64 9.34
N ASN A 193 9.43 17.13 8.11
CA ASN A 193 10.05 16.44 7.00
C ASN A 193 11.34 17.18 6.61
N ASN A 194 11.57 18.35 7.18
CA ASN A 194 12.76 19.11 6.78
C ASN A 194 14.05 18.95 7.58
N TYR A 195 14.19 17.86 8.32
CA TYR A 195 15.43 17.65 9.08
C TYR A 195 16.24 16.56 8.40
N TRP A 196 17.26 16.97 7.65
CA TRP A 196 18.14 16.05 6.93
C TRP A 196 19.45 15.90 7.68
N GLY A 197 19.89 14.66 7.84
CA GLY A 197 21.11 14.39 8.57
C GLY A 197 20.75 14.24 10.04
N TRP A 198 21.77 14.01 10.86
CA TRP A 198 21.61 13.75 12.29
C TRP A 198 21.28 14.90 13.22
N GLY A 199 20.37 14.60 14.16
CA GLY A 199 19.99 15.54 15.20
C GLY A 199 18.85 16.52 15.08
N GLY A 200 18.40 16.97 16.24
CA GLY A 200 17.34 17.97 16.32
C GLY A 200 15.92 17.61 15.98
N GLU A 201 15.69 16.62 15.11
CA GLU A 201 14.31 16.30 14.75
C GLU A 201 13.49 15.91 15.97
N ASP A 202 14.10 15.22 16.92
CA ASP A 202 13.40 14.83 18.13
C ASP A 202 13.06 16.06 19.01
N ASP A 203 13.90 17.11 19.00
CA ASP A 203 13.59 18.30 19.79
C ASP A 203 12.45 19.10 19.15
N ASP A 204 12.38 19.04 17.83
CA ASP A 204 11.35 19.74 17.10
C ASP A 204 10.03 19.08 17.49
N ILE A 205 10.02 17.75 17.46
CA ILE A 205 8.83 16.99 17.81
C ILE A 205 8.43 17.31 19.24
N TYR A 206 9.40 17.38 20.13
CA TYR A 206 9.08 17.73 21.51
C TYR A 206 8.44 19.13 21.51
N ASN A 207 9.06 20.05 20.79
CA ASN A 207 8.53 21.41 20.72
C ASN A 207 7.08 21.42 20.19
N ARG A 208 6.79 20.56 19.22
CA ARG A 208 5.44 20.53 18.66
C ARG A 208 4.44 20.10 19.70
N LEU A 209 4.81 19.11 20.49
CA LEU A 209 3.90 18.60 21.52
C LEU A 209 3.54 19.68 22.54
N ALA A 210 4.55 20.44 22.93
CA ALA A 210 4.35 21.51 23.91
C ALA A 210 3.52 22.65 23.31
N PHE A 211 3.72 22.91 22.02
CA PHE A 211 3.00 23.99 21.37
C PHE A 211 1.52 23.66 21.25
N ARG A 212 1.21 22.36 21.21
CA ARG A 212 -0.17 21.90 21.13
C ARG A 212 -0.72 21.73 22.54
N GLY A 213 0.04 22.13 23.54
CA GLY A 213 -0.45 22.01 24.89
C GLY A 213 -0.43 20.60 25.46
N MET A 214 0.44 19.73 24.94
CA MET A 214 0.54 18.38 25.47
C MET A 214 1.76 18.27 26.37
N SER A 215 1.85 17.15 27.06
CA SER A 215 2.96 16.88 27.96
C SER A 215 3.54 15.52 27.60
N VAL A 216 4.70 15.21 28.17
CA VAL A 216 5.33 13.94 27.89
C VAL A 216 5.19 12.98 29.07
N SER A 217 4.61 11.82 28.80
CA SER A 217 4.45 10.80 29.83
C SER A 217 5.66 9.87 29.73
N ARG A 218 6.15 9.40 30.87
CA ARG A 218 7.30 8.49 30.89
C ARG A 218 7.21 7.45 31.99
N PRO A 219 7.76 6.24 31.75
CA PRO A 219 7.72 5.19 32.78
C PRO A 219 8.86 5.59 33.72
N ASN A 220 8.95 5.03 34.92
CA ASN A 220 10.06 5.42 35.80
C ASN A 220 11.39 4.89 35.28
N ALA A 221 12.47 5.53 35.72
CA ALA A 221 13.83 5.20 35.30
C ALA A 221 14.28 3.76 35.52
N VAL A 222 13.54 3.00 36.33
CA VAL A 222 13.92 1.61 36.56
C VAL A 222 13.37 0.74 35.43
N ILE A 223 12.05 0.73 35.27
CA ILE A 223 11.45 -0.10 34.23
C ILE A 223 11.66 0.46 32.83
N GLY A 224 12.12 1.71 32.75
CA GLY A 224 12.38 2.32 31.45
C GLY A 224 13.81 2.10 30.98
N LYS A 225 14.55 1.25 31.67
CA LYS A 225 15.92 1.01 31.26
C LYS A 225 15.95 0.35 29.91
N THR A 226 16.88 0.76 29.05
CA THR A 226 16.99 0.18 27.72
C THR A 226 18.42 0.20 27.19
N ARG A 227 18.74 -0.76 26.32
CA ARG A 227 20.08 -0.84 25.77
C ARG A 227 20.21 -0.40 24.33
N HIS A 228 21.26 0.35 24.07
CA HIS A 228 21.55 0.84 22.76
C HIS A 228 22.65 -0.06 22.19
N ILE A 229 22.51 -0.47 20.94
CA ILE A 229 23.52 -1.31 20.32
C ILE A 229 24.64 -0.36 19.90
N ARG A 230 25.80 -0.50 20.52
CA ARG A 230 26.92 0.38 20.20
C ARG A 230 27.25 0.26 18.71
N HIS A 231 27.40 1.42 18.06
CA HIS A 231 27.71 1.48 16.65
C HIS A 231 28.45 2.78 16.33
N SER A 232 29.10 2.81 15.17
CA SER A 232 29.82 4.00 14.70
C SER A 232 28.83 4.85 13.92
N ARG A 233 29.23 6.08 13.57
CA ARG A 233 28.33 6.96 12.84
C ARG A 233 28.10 6.43 11.41
N ASP A 234 27.00 6.85 10.79
CA ASP A 234 26.68 6.43 9.44
C ASP A 234 26.96 7.52 8.41
N LYS A 235 27.59 7.13 7.32
CA LYS A 235 27.86 8.06 6.23
C LYS A 235 26.45 8.51 5.80
N LYS A 236 26.33 9.76 5.40
CA LYS A 236 25.06 10.32 4.95
C LYS A 236 24.04 10.61 6.03
N ASN A 237 24.51 10.70 7.27
CA ASN A 237 23.66 11.08 8.39
C ASN A 237 24.58 11.85 9.34
N GLU A 238 25.38 12.75 8.77
CA GLU A 238 26.29 13.56 9.58
C GLU A 238 25.43 14.60 10.33
N PRO A 239 25.94 15.11 11.47
CA PRO A 239 25.21 16.11 12.26
C PRO A 239 24.70 17.22 11.32
N ASN A 240 23.42 17.55 11.45
CA ASN A 240 22.80 18.59 10.63
C ASN A 240 23.10 19.97 11.22
N PRO A 241 23.97 20.75 10.56
CA PRO A 241 24.32 22.08 11.05
C PRO A 241 23.17 23.05 11.20
N GLN A 242 22.06 22.81 10.49
CA GLN A 242 20.92 23.71 10.58
C GLN A 242 19.99 23.39 11.73
N ARG A 243 20.19 22.25 12.38
CA ARG A 243 19.25 21.87 13.43
C ARG A 243 19.00 22.86 14.56
N PHE A 244 20.05 23.54 15.01
CA PHE A 244 19.92 24.49 16.10
C PHE A 244 18.89 25.57 15.85
N ASP A 245 19.00 26.28 14.74
CA ASP A 245 17.99 27.30 14.56
C ASP A 245 16.68 26.75 13.97
N ARG A 246 16.73 25.56 13.38
CA ARG A 246 15.49 24.97 12.86
C ARG A 246 14.60 24.71 14.07
N ILE A 247 15.18 24.12 15.11
CA ILE A 247 14.38 23.84 16.31
C ILE A 247 13.96 25.13 17.03
N ALA A 248 14.74 26.20 16.86
CA ALA A 248 14.37 27.48 17.49
C ALA A 248 13.18 28.12 16.79
N HIS A 249 12.79 27.56 15.64
CA HIS A 249 11.64 28.10 14.88
C HIS A 249 10.51 27.12 14.61
N THR A 250 10.39 26.10 15.46
CA THR A 250 9.34 25.11 15.30
C THR A 250 7.96 25.76 15.32
N LYS A 251 7.78 26.74 16.19
CA LYS A 251 6.49 27.41 16.29
C LYS A 251 5.96 27.85 14.91
N GLU A 252 6.81 28.46 14.11
CA GLU A 252 6.41 28.94 12.79
C GLU A 252 6.37 27.92 11.68
N THR A 253 7.09 26.83 11.84
CA THR A 253 7.12 25.86 10.74
C THR A 253 6.26 24.62 10.86
N MET A 254 5.82 24.26 12.06
CA MET A 254 5.04 23.03 12.18
C MET A 254 3.71 22.98 11.43
N LEU A 255 3.09 24.13 11.17
CA LEU A 255 1.81 24.14 10.46
C LEU A 255 1.94 23.71 9.01
N SER A 256 3.05 24.11 8.39
CA SER A 256 3.29 23.81 6.99
C SER A 256 4.25 22.66 6.75
N ASP A 257 5.07 22.31 7.73
CA ASP A 257 5.99 21.19 7.53
C ASP A 257 5.56 20.01 8.35
N GLY A 258 5.03 19.01 7.67
CA GLY A 258 4.60 17.81 8.37
C GLY A 258 3.76 16.90 7.51
N LEU A 259 2.88 16.18 8.17
CA LEU A 259 1.97 15.27 7.54
C LEU A 259 1.31 15.90 6.29
N ASN A 260 0.79 17.11 6.45
CA ASN A 260 0.11 17.78 5.35
C ASN A 260 1.01 18.13 4.17
N SER A 261 2.33 18.09 4.37
CA SER A 261 3.23 18.45 3.28
C SER A 261 4.12 17.29 2.87
N LEU A 262 3.81 16.11 3.40
CA LEU A 262 4.59 14.91 3.13
C LEU A 262 4.42 14.37 1.70
N THR A 263 5.54 14.18 1.01
CA THR A 263 5.50 13.62 -0.33
C THR A 263 6.61 12.58 -0.37
N TYR A 264 6.34 11.47 -1.06
CA TYR A 264 7.30 10.40 -1.16
C TYR A 264 6.78 9.41 -2.18
N MET A 265 7.65 8.47 -2.58
CA MET A 265 7.32 7.45 -3.56
C MET A 265 7.67 6.05 -3.06
N VAL A 266 6.68 5.21 -2.84
CA VAL A 266 6.98 3.86 -2.39
C VAL A 266 7.46 3.08 -3.62
N LEU A 267 8.67 2.52 -3.52
CA LEU A 267 9.23 1.77 -4.64
C LEU A 267 8.89 0.30 -4.52
N GLU A 268 8.82 -0.18 -3.29
CA GLU A 268 8.56 -1.57 -3.07
C GLU A 268 8.09 -1.89 -1.66
N VAL A 269 7.17 -2.83 -1.56
CA VAL A 269 6.68 -3.30 -0.28
C VAL A 269 6.90 -4.81 -0.25
N GLN A 270 7.54 -5.30 0.80
CA GLN A 270 7.79 -6.72 0.95
C GLN A 270 7.32 -7.15 2.33
N ARG A 271 6.59 -8.24 2.39
CA ARG A 271 6.10 -8.74 3.66
C ARG A 271 6.99 -9.91 4.08
N TYR A 272 7.76 -9.75 5.15
CA TYR A 272 8.57 -10.89 5.61
C TYR A 272 7.80 -11.50 6.76
N PRO A 273 8.21 -12.69 7.18
CA PRO A 273 7.46 -13.29 8.28
C PRO A 273 7.47 -12.48 9.59
N LEU A 274 8.55 -11.73 9.86
CA LEU A 274 8.61 -10.96 11.10
C LEU A 274 8.34 -9.43 11.00
N TYR A 275 8.22 -8.92 9.78
CA TYR A 275 7.97 -7.49 9.58
C TYR A 275 7.65 -7.15 8.12
N THR A 276 7.14 -5.94 7.94
CA THR A 276 6.85 -5.42 6.62
C THR A 276 7.95 -4.39 6.30
N LYS A 277 8.53 -4.50 5.12
CA LYS A 277 9.58 -3.59 4.73
C LYS A 277 9.05 -2.69 3.60
N ILE A 278 9.10 -1.39 3.83
CA ILE A 278 8.62 -0.44 2.85
C ILE A 278 9.82 0.40 2.43
N THR A 279 10.26 0.19 1.18
CA THR A 279 11.41 0.90 0.63
C THR A 279 10.89 2.13 -0.08
N VAL A 280 11.30 3.31 0.39
CA VAL A 280 10.79 4.53 -0.19
C VAL A 280 11.81 5.56 -0.63
N ASP A 281 11.38 6.32 -1.61
CA ASP A 281 12.17 7.41 -2.14
C ASP A 281 11.55 8.62 -1.45
N ILE A 282 12.26 9.20 -0.50
CA ILE A 282 11.73 10.36 0.20
C ILE A 282 12.43 11.63 -0.23
N GLY A 283 13.09 11.57 -1.37
CA GLY A 283 13.74 12.76 -1.89
C GLY A 283 15.08 13.15 -1.27
N THR A 284 15.47 14.39 -1.51
CA THR A 284 16.74 14.90 -1.04
C THR A 284 16.58 16.28 -0.43
N PRO A 285 17.56 16.70 0.38
CA PRO A 285 17.49 18.03 1.00
C PRO A 285 17.48 19.06 -0.12
N SER A 286 16.71 20.12 0.08
CA SER A 286 16.63 21.14 -0.93
C SER A 286 16.73 22.47 -0.21
N LEU B 15 -4.91 24.75 -15.20
CA LEU B 15 -5.25 25.04 -16.62
C LEU B 15 -6.76 24.93 -16.74
N THR B 16 -7.23 24.50 -17.90
CA THR B 16 -8.67 24.35 -18.11
C THR B 16 -9.00 22.92 -18.55
N ALA B 17 -10.24 22.52 -18.36
CA ALA B 17 -10.70 21.19 -18.72
C ALA B 17 -10.25 20.77 -20.12
N CYS B 18 -9.87 19.51 -20.27
CA CYS B 18 -9.44 18.99 -21.55
C CYS B 18 -10.66 18.98 -22.47
N PRO B 19 -10.46 19.21 -23.77
CA PRO B 19 -11.58 19.23 -24.73
C PRO B 19 -12.30 17.88 -24.84
N GLU B 20 -13.50 17.94 -25.43
CA GLU B 20 -14.32 16.75 -25.62
C GLU B 20 -13.62 15.72 -26.51
N GLU B 21 -13.04 16.19 -27.61
CA GLU B 21 -12.31 15.30 -28.50
C GLU B 21 -10.85 15.74 -28.43
N SER B 22 -10.01 14.84 -27.91
CA SER B 22 -8.58 15.12 -27.79
C SER B 22 -7.96 15.37 -29.15
N PRO B 23 -7.17 16.44 -29.27
CA PRO B 23 -6.53 16.75 -30.56
C PRO B 23 -5.44 15.74 -30.91
N LEU B 24 -5.10 14.86 -29.96
CA LEU B 24 -4.04 13.89 -30.19
C LEU B 24 -4.46 12.61 -30.92
N LEU B 25 -5.75 12.29 -30.82
CA LEU B 25 -6.31 11.11 -31.46
C LEU B 25 -5.96 10.91 -32.94
N VAL B 26 -5.70 9.67 -33.35
CA VAL B 26 -5.39 9.35 -34.74
C VAL B 26 -6.39 8.40 -35.39
N GLY B 27 -7.28 7.83 -34.59
CA GLY B 27 -8.26 6.91 -35.15
C GLY B 27 -7.76 5.48 -35.17
N PRO B 28 -7.99 4.74 -36.26
CA PRO B 28 -7.59 3.34 -36.42
C PRO B 28 -6.08 3.11 -36.34
N MET B 29 -5.68 2.05 -35.67
CA MET B 29 -4.27 1.72 -35.52
C MET B 29 -4.01 0.28 -35.89
N LEU B 30 -2.80 0.03 -36.36
CA LEU B 30 -2.43 -1.33 -36.70
C LEU B 30 -1.92 -1.99 -35.43
N ILE B 31 -2.59 -3.06 -35.02
CA ILE B 31 -2.20 -3.78 -33.82
C ILE B 31 -1.66 -5.12 -34.26
N GLU B 32 -0.36 -5.30 -34.08
CA GLU B 32 0.31 -6.53 -34.50
C GLU B 32 1.16 -7.10 -33.40
N PHE B 33 1.35 -8.41 -33.41
CA PHE B 33 2.15 -9.08 -32.40
C PHE B 33 3.29 -9.87 -33.02
N ASN B 34 4.14 -9.17 -33.77
CA ASN B 34 5.29 -9.77 -34.44
C ASN B 34 6.48 -8.92 -34.02
N ILE B 35 6.36 -8.33 -32.83
CA ILE B 35 7.38 -7.44 -32.28
C ILE B 35 7.95 -7.98 -30.98
N PRO B 36 9.30 -7.97 -30.85
CA PRO B 36 9.93 -8.46 -29.61
C PRO B 36 9.93 -7.24 -28.68
N VAL B 37 8.84 -7.08 -27.93
CA VAL B 37 8.73 -5.95 -27.03
C VAL B 37 9.82 -5.88 -25.98
N ASP B 38 10.32 -4.67 -25.77
CA ASP B 38 11.36 -4.42 -24.78
C ASP B 38 10.88 -3.28 -23.89
N LEU B 39 10.54 -3.59 -22.64
CA LEU B 39 10.04 -2.58 -21.71
C LEU B 39 10.94 -1.36 -21.51
N LYS B 40 12.25 -1.53 -21.60
CA LYS B 40 13.14 -0.38 -21.44
C LYS B 40 12.85 0.57 -22.58
N LEU B 41 12.78 0.02 -23.80
CA LEU B 41 12.48 0.81 -24.99
C LEU B 41 11.12 1.50 -24.84
N VAL B 42 10.14 0.79 -24.28
CA VAL B 42 8.82 1.40 -24.09
C VAL B 42 8.92 2.56 -23.12
N GLU B 43 9.69 2.37 -22.06
CA GLU B 43 9.88 3.43 -21.08
C GLU B 43 10.53 4.63 -21.79
N GLN B 44 11.57 4.36 -22.55
CA GLN B 44 12.27 5.40 -23.29
C GLN B 44 11.32 6.21 -24.17
N GLN B 45 10.41 5.50 -24.82
CA GLN B 45 9.44 6.12 -25.71
C GLN B 45 8.26 6.82 -25.04
N ASN B 46 8.14 6.68 -23.72
CA ASN B 46 7.04 7.30 -23.00
C ASN B 46 7.58 7.97 -21.75
N PRO B 47 8.43 8.98 -21.95
CA PRO B 47 9.08 9.76 -20.89
C PRO B 47 8.18 10.44 -19.88
N LYS B 48 6.96 10.77 -20.28
CA LYS B 48 6.04 11.45 -19.37
C LYS B 48 5.34 10.48 -18.42
N VAL B 49 5.46 9.17 -18.68
CA VAL B 49 4.86 8.18 -17.79
C VAL B 49 5.79 8.07 -16.57
N LYS B 50 5.23 8.31 -15.39
CA LYS B 50 6.01 8.25 -14.16
C LYS B 50 5.98 6.85 -13.55
N LEU B 51 6.81 6.66 -12.53
CA LEU B 51 6.90 5.39 -11.82
C LEU B 51 5.50 4.85 -11.50
N GLY B 52 5.29 3.57 -11.82
CA GLY B 52 4.01 2.94 -11.57
C GLY B 52 3.05 3.12 -12.73
N GLY B 53 3.58 3.45 -13.91
CA GLY B 53 2.73 3.66 -15.06
C GLY B 53 1.72 4.77 -14.81
N ARG B 54 2.16 5.83 -14.12
CA ARG B 54 1.29 6.96 -13.80
C ARG B 54 1.51 8.07 -14.81
N TYR B 55 0.42 8.68 -15.27
CA TYR B 55 0.48 9.77 -16.23
C TYR B 55 -0.66 10.76 -16.01
N THR B 56 -0.34 12.04 -16.16
CA THR B 56 -1.32 13.10 -16.01
C THR B 56 -1.01 14.15 -17.06
N PRO B 57 -2.03 14.59 -17.84
CA PRO B 57 -1.84 15.60 -18.88
C PRO B 57 -1.16 16.85 -18.33
N MET B 58 -0.34 17.48 -19.16
CA MET B 58 0.37 18.68 -18.73
C MET B 58 -0.33 19.99 -19.11
N ASP B 59 -1.09 19.97 -20.21
CA ASP B 59 -1.75 21.17 -20.72
C ASP B 59 -3.24 21.38 -20.40
N CYS B 60 -3.89 20.41 -19.78
CA CYS B 60 -5.29 20.57 -19.43
C CYS B 60 -5.64 19.70 -18.23
N ILE B 61 -6.88 19.80 -17.77
CA ILE B 61 -7.33 19.05 -16.61
C ILE B 61 -8.31 17.97 -17.01
N SER B 62 -7.95 16.73 -16.71
CA SER B 62 -8.80 15.60 -17.02
C SER B 62 -9.73 15.41 -15.83
N PRO B 63 -11.03 15.29 -16.09
CA PRO B 63 -12.01 15.10 -15.02
C PRO B 63 -12.03 13.64 -14.54
N HIS B 64 -11.30 12.78 -15.23
CA HIS B 64 -11.29 11.37 -14.84
C HIS B 64 -9.92 10.93 -14.36
N LYS B 65 -9.90 10.41 -13.13
CA LYS B 65 -8.68 9.90 -12.54
C LYS B 65 -8.90 8.40 -12.68
N VAL B 66 -8.19 7.82 -13.64
CA VAL B 66 -8.37 6.42 -13.96
C VAL B 66 -7.33 5.42 -13.50
N ALA B 67 -7.80 4.41 -12.79
CA ALA B 67 -6.95 3.36 -12.33
C ALA B 67 -7.34 2.18 -13.25
N ILE B 68 -6.38 1.73 -14.05
CA ILE B 68 -6.61 0.63 -14.97
C ILE B 68 -6.13 -0.65 -14.27
N ILE B 69 -7.07 -1.57 -14.08
CA ILE B 69 -6.82 -2.80 -13.35
C ILE B 69 -6.79 -4.06 -14.21
N ILE B 70 -5.68 -4.77 -14.11
CA ILE B 70 -5.42 -5.99 -14.89
C ILE B 70 -5.22 -7.26 -14.05
N PRO B 71 -6.16 -8.21 -14.14
CA PRO B 71 -6.06 -9.46 -13.38
C PRO B 71 -4.88 -10.21 -14.02
N PHE B 72 -4.05 -10.85 -13.21
CA PHE B 72 -2.85 -11.42 -13.77
C PHE B 72 -2.22 -12.62 -13.09
N ARG B 73 -1.64 -13.49 -13.92
CA ARG B 73 -0.86 -14.62 -13.45
C ARG B 73 -0.22 -15.27 -14.66
N ASN B 74 1.11 -15.24 -14.68
CA ASN B 74 1.88 -15.84 -15.76
C ASN B 74 1.47 -15.34 -17.16
N ARG B 75 1.31 -14.02 -17.33
CA ARG B 75 0.96 -13.48 -18.65
C ARG B 75 1.91 -12.33 -18.98
N GLN B 76 3.17 -12.50 -18.60
CA GLN B 76 4.20 -11.49 -18.83
C GLN B 76 4.35 -11.06 -20.29
N GLU B 77 4.34 -12.03 -21.21
CA GLU B 77 4.46 -11.70 -22.63
C GLU B 77 3.28 -10.84 -23.09
N HIS B 78 2.07 -11.20 -22.68
CA HIS B 78 0.90 -10.43 -23.04
C HIS B 78 0.99 -9.03 -22.46
N LEU B 79 1.37 -8.95 -21.19
CA LEU B 79 1.53 -7.68 -20.49
C LEU B 79 2.48 -6.78 -21.27
N LYS B 80 3.63 -7.31 -21.68
CA LYS B 80 4.60 -6.50 -22.41
C LYS B 80 3.91 -5.83 -23.61
N TYR B 81 3.11 -6.59 -24.35
CA TYR B 81 2.38 -6.04 -25.50
C TYR B 81 1.35 -5.02 -25.04
N TRP B 82 0.65 -5.32 -23.95
CA TRP B 82 -0.38 -4.43 -23.45
C TRP B 82 0.21 -3.06 -23.14
N LEU B 83 1.33 -3.07 -22.44
CA LEU B 83 2.02 -1.82 -22.05
C LEU B 83 2.53 -1.08 -23.29
N TYR B 84 3.12 -1.85 -24.20
CA TYR B 84 3.64 -1.34 -25.46
C TYR B 84 2.55 -0.57 -26.22
N TYR B 85 1.36 -1.15 -26.31
CA TYR B 85 0.29 -0.49 -27.04
C TYR B 85 -0.54 0.54 -26.26
N LEU B 86 -0.97 0.21 -25.05
CA LEU B 86 -1.82 1.13 -24.31
C LEU B 86 -1.23 2.43 -23.81
N HIS B 87 0.01 2.42 -23.32
CA HIS B 87 0.57 3.66 -22.82
C HIS B 87 0.52 4.83 -23.82
N PRO B 88 0.97 4.61 -25.06
CA PRO B 88 0.87 5.77 -25.97
C PRO B 88 -0.61 6.15 -26.21
N ILE B 89 -1.47 5.12 -26.26
CA ILE B 89 -2.90 5.33 -26.50
C ILE B 89 -3.56 6.11 -25.37
N LEU B 90 -3.29 5.71 -24.13
CA LEU B 90 -3.90 6.36 -23.00
C LEU B 90 -3.51 7.82 -22.89
N GLN B 91 -2.30 8.14 -23.32
CA GLN B 91 -1.83 9.51 -23.27
C GLN B 91 -2.53 10.31 -24.34
N ARG B 92 -2.72 9.73 -25.51
CA ARG B 92 -3.40 10.47 -26.55
C ARG B 92 -4.82 10.75 -26.08
N GLN B 93 -5.37 9.91 -25.20
CA GLN B 93 -6.74 10.14 -24.69
C GLN B 93 -6.83 11.19 -23.60
N GLN B 94 -5.68 11.74 -23.20
CA GLN B 94 -5.65 12.80 -22.18
C GLN B 94 -6.27 12.40 -20.85
N LEU B 95 -5.91 11.22 -20.38
CA LEU B 95 -6.45 10.71 -19.14
C LEU B 95 -5.43 10.88 -18.02
N ASP B 96 -5.94 10.97 -16.79
CA ASP B 96 -5.08 11.06 -15.63
C ASP B 96 -5.16 9.61 -15.12
N TYR B 97 -4.21 8.77 -15.57
CA TYR B 97 -4.23 7.35 -15.21
C TYR B 97 -3.06 6.69 -14.50
N GLY B 98 -3.33 5.48 -13.99
CA GLY B 98 -2.35 4.66 -13.29
C GLY B 98 -2.58 3.20 -13.67
N ILE B 99 -1.51 2.43 -13.82
CA ILE B 99 -1.65 1.02 -14.19
C ILE B 99 -1.37 0.08 -13.02
N TYR B 100 -2.30 -0.86 -12.80
CA TYR B 100 -2.16 -1.84 -11.71
C TYR B 100 -2.34 -3.28 -12.16
N VAL B 101 -1.30 -4.07 -11.97
CA VAL B 101 -1.34 -5.48 -12.30
C VAL B 101 -1.52 -6.29 -11.02
N ILE B 102 -2.70 -6.90 -10.89
CA ILE B 102 -3.01 -7.69 -9.71
C ILE B 102 -2.65 -9.14 -10.00
N ASN B 103 -1.47 -9.53 -9.52
CA ASN B 103 -0.89 -10.84 -9.70
C ASN B 103 -1.31 -11.86 -8.64
N GLN B 104 -2.03 -12.90 -9.06
CA GLN B 104 -2.47 -13.89 -8.10
C GLN B 104 -1.31 -14.78 -7.67
N ALA B 105 -1.02 -14.77 -6.38
CA ALA B 105 0.04 -15.61 -5.81
C ALA B 105 -0.45 -17.06 -5.71
N GLY B 106 0.50 -18.01 -5.72
CA GLY B 106 0.14 -19.41 -5.63
C GLY B 106 -0.26 -20.06 -6.93
N GLU B 107 -0.61 -21.34 -6.88
CA GLU B 107 -0.96 -22.10 -8.08
C GLU B 107 -2.35 -22.71 -8.04
N SER B 108 -3.24 -22.18 -7.21
CA SER B 108 -4.58 -22.72 -7.13
C SER B 108 -5.50 -22.00 -8.13
N MET B 109 -6.78 -22.37 -8.13
CA MET B 109 -7.74 -21.80 -9.09
C MET B 109 -7.71 -20.28 -9.25
N PHE B 110 -7.67 -19.84 -10.49
CA PHE B 110 -7.64 -18.41 -10.79
C PHE B 110 -9.01 -17.82 -10.45
N ASN B 111 -9.03 -16.55 -10.07
CA ASN B 111 -10.29 -15.87 -9.75
C ASN B 111 -10.19 -14.45 -10.28
N ARG B 112 -10.60 -14.29 -11.54
CA ARG B 112 -10.55 -12.99 -12.18
C ARG B 112 -11.21 -11.87 -11.38
N ALA B 113 -12.50 -12.05 -11.10
CA ALA B 113 -13.30 -11.05 -10.40
C ALA B 113 -12.80 -10.67 -9.02
N LYS B 114 -12.31 -11.62 -8.24
CA LYS B 114 -11.82 -11.24 -6.92
C LYS B 114 -10.57 -10.36 -7.07
N LEU B 115 -9.77 -10.68 -8.09
CA LEU B 115 -8.54 -9.91 -8.36
C LEU B 115 -8.89 -8.47 -8.72
N LEU B 116 -9.97 -8.27 -9.47
CA LEU B 116 -10.37 -6.93 -9.83
C LEU B 116 -10.81 -6.15 -8.58
N ASN B 117 -11.49 -6.83 -7.63
CA ASN B 117 -11.92 -6.16 -6.40
C ASN B 117 -10.66 -5.68 -5.66
N VAL B 118 -9.66 -6.55 -5.57
CA VAL B 118 -8.41 -6.21 -4.90
C VAL B 118 -7.83 -4.96 -5.58
N GLY B 119 -7.83 -4.95 -6.91
CA GLY B 119 -7.29 -3.79 -7.62
C GLY B 119 -7.99 -2.50 -7.23
N PHE B 120 -9.31 -2.58 -7.06
CA PHE B 120 -10.10 -1.41 -6.71
C PHE B 120 -9.63 -0.88 -5.37
N LYS B 121 -9.62 -1.74 -4.35
CA LYS B 121 -9.20 -1.32 -3.01
C LYS B 121 -7.77 -0.81 -2.93
N GLU B 122 -6.83 -1.59 -3.48
CA GLU B 122 -5.44 -1.17 -3.45
C GLU B 122 -5.15 0.09 -4.25
N ALA B 123 -5.82 0.26 -5.38
CA ALA B 123 -5.57 1.46 -6.17
C ALA B 123 -5.98 2.71 -5.39
N LEU B 124 -7.10 2.59 -4.67
CA LEU B 124 -7.59 3.71 -3.88
C LEU B 124 -6.61 4.14 -2.77
N LYS B 125 -5.78 3.21 -2.29
CA LYS B 125 -4.81 3.58 -1.27
C LYS B 125 -3.70 4.44 -1.87
N ASP B 126 -3.57 4.41 -3.19
CA ASP B 126 -2.56 5.15 -3.93
C ASP B 126 -2.90 6.59 -4.32
N TYR B 127 -4.07 6.75 -4.92
CA TYR B 127 -4.49 8.06 -5.43
C TYR B 127 -6.01 8.07 -5.37
N ASP B 128 -6.62 9.25 -5.34
CA ASP B 128 -8.08 9.30 -5.27
C ASP B 128 -8.73 9.14 -6.64
N TYR B 129 -8.58 7.94 -7.22
CA TYR B 129 -9.18 7.65 -8.51
C TYR B 129 -10.70 7.66 -8.35
N ASN B 130 -11.39 8.20 -9.35
CA ASN B 130 -12.84 8.24 -9.31
C ASN B 130 -13.42 7.36 -10.42
N CYS B 131 -12.52 6.68 -11.14
CA CYS B 131 -12.89 5.82 -12.26
C CYS B 131 -11.98 4.59 -12.37
N PHE B 132 -12.58 3.43 -12.59
CA PHE B 132 -11.85 2.18 -12.65
C PHE B 132 -12.09 1.42 -13.96
N VAL B 133 -11.00 1.15 -14.67
CA VAL B 133 -11.09 0.40 -15.92
C VAL B 133 -10.53 -1.00 -15.64
N PHE B 134 -11.35 -2.01 -15.90
CA PHE B 134 -10.99 -3.40 -15.71
C PHE B 134 -10.67 -4.03 -17.07
N SER B 135 -9.44 -4.47 -17.25
CA SER B 135 -9.05 -5.01 -18.54
C SER B 135 -8.22 -6.28 -18.50
N ASP B 136 -8.57 -7.23 -19.37
CA ASP B 136 -7.79 -8.46 -19.49
C ASP B 136 -6.44 -7.98 -20.01
N VAL B 137 -5.40 -8.75 -19.75
CA VAL B 137 -4.02 -8.44 -20.14
C VAL B 137 -3.77 -8.65 -21.65
N ASP B 138 -4.68 -9.34 -22.32
CA ASP B 138 -4.51 -9.69 -23.73
C ASP B 138 -5.47 -9.03 -24.74
N LEU B 139 -6.03 -7.88 -24.36
CA LEU B 139 -6.98 -7.19 -25.23
C LEU B 139 -6.41 -5.82 -25.58
N ILE B 140 -6.39 -5.49 -26.87
CA ILE B 140 -5.85 -4.20 -27.31
C ILE B 140 -6.83 -3.46 -28.19
N PRO B 141 -7.17 -2.20 -27.84
CA PRO B 141 -8.12 -1.40 -28.64
C PRO B 141 -7.50 -1.00 -29.95
N MET B 142 -8.29 -1.07 -31.02
CA MET B 142 -7.80 -0.74 -32.36
C MET B 142 -8.08 0.68 -32.79
N ASN B 143 -8.82 1.41 -31.98
CA ASN B 143 -9.13 2.81 -32.32
C ASN B 143 -9.01 3.60 -31.04
N ASP B 144 -8.15 4.61 -31.05
CA ASP B 144 -7.94 5.39 -29.84
C ASP B 144 -9.11 6.25 -29.43
N HIS B 145 -10.19 6.24 -30.21
CA HIS B 145 -11.40 7.01 -29.85
C HIS B 145 -12.24 6.18 -28.83
N ASN B 146 -11.85 4.93 -28.59
CA ASN B 146 -12.54 4.08 -27.61
C ASN B 146 -11.89 4.44 -26.28
N THR B 147 -12.38 5.52 -25.68
CA THR B 147 -11.81 6.06 -24.45
C THR B 147 -11.88 5.13 -23.26
N TYR B 148 -10.73 4.94 -22.60
CA TYR B 148 -10.64 4.09 -21.42
C TYR B 148 -10.97 4.92 -20.17
N ARG B 149 -12.23 5.34 -20.07
CA ARG B 149 -12.70 6.13 -18.94
C ARG B 149 -14.11 5.67 -18.56
N CYS B 150 -14.63 6.27 -17.50
CA CYS B 150 -15.97 5.96 -17.01
C CYS B 150 -16.99 6.96 -17.55
N PHE B 151 -18.22 6.49 -17.74
CA PHE B 151 -19.31 7.29 -18.30
C PHE B 151 -20.48 7.43 -17.31
N SER B 152 -21.57 8.08 -17.73
CA SER B 152 -22.74 8.25 -16.85
C SER B 152 -23.37 6.91 -16.47
N GLN B 153 -23.03 5.87 -17.22
CA GLN B 153 -23.52 4.52 -16.99
C GLN B 153 -22.34 3.55 -17.12
N PRO B 154 -22.42 2.35 -16.50
CA PRO B 154 -21.36 1.34 -16.58
C PRO B 154 -20.99 1.19 -18.06
N ARG B 155 -19.69 1.16 -18.33
CA ARG B 155 -19.19 1.11 -19.70
C ARG B 155 -18.54 -0.19 -20.14
N HIS B 156 -19.02 -0.76 -21.24
CA HIS B 156 -18.43 -1.98 -21.81
C HIS B 156 -17.52 -1.49 -22.93
N ILE B 157 -16.22 -1.74 -22.80
CA ILE B 157 -15.30 -1.21 -23.80
C ILE B 157 -14.89 -2.08 -24.96
N SER B 158 -14.61 -3.36 -24.72
CA SER B 158 -14.20 -4.27 -25.81
C SER B 158 -15.47 -4.87 -26.43
N VAL B 159 -16.18 -4.04 -27.19
CA VAL B 159 -17.46 -4.41 -27.77
C VAL B 159 -17.43 -5.14 -29.11
N ALA B 160 -16.28 -5.13 -29.77
CA ALA B 160 -16.14 -5.75 -31.06
C ALA B 160 -14.77 -6.44 -31.17
N MET B 161 -14.66 -7.62 -30.58
CA MET B 161 -13.45 -8.41 -30.54
C MET B 161 -13.19 -9.20 -31.83
N ASP B 162 -11.97 -9.14 -32.34
CA ASP B 162 -11.67 -9.88 -33.56
C ASP B 162 -12.05 -11.35 -33.47
N LYS B 163 -11.93 -11.94 -32.29
CA LYS B 163 -12.28 -13.36 -32.12
C LYS B 163 -13.77 -13.60 -32.08
N PHE B 164 -14.56 -12.54 -32.20
CA PHE B 164 -16.01 -12.69 -32.20
C PHE B 164 -16.51 -12.03 -33.48
N GLY B 165 -15.68 -12.10 -34.51
CA GLY B 165 -16.04 -11.49 -35.77
C GLY B 165 -16.32 -10.01 -35.63
N PHE B 166 -15.74 -9.36 -34.62
CA PHE B 166 -15.94 -7.93 -34.41
C PHE B 166 -17.39 -7.60 -34.13
N SER B 167 -18.03 -8.44 -33.33
CA SER B 167 -19.42 -8.27 -32.96
C SER B 167 -19.68 -8.72 -31.52
N LEU B 168 -20.57 -8.01 -30.83
CA LEU B 168 -20.92 -8.38 -29.47
C LEU B 168 -21.49 -9.79 -29.51
N PRO B 169 -20.97 -10.72 -28.69
CA PRO B 169 -21.58 -12.04 -28.80
C PRO B 169 -23.06 -12.02 -28.38
N TYR B 170 -23.39 -11.24 -27.35
CA TYR B 170 -24.78 -11.08 -26.91
C TYR B 170 -24.89 -9.76 -26.17
N VAL B 171 -26.05 -9.11 -26.28
CA VAL B 171 -26.27 -7.80 -25.70
C VAL B 171 -25.85 -7.65 -24.26
N GLN B 172 -25.86 -8.73 -23.49
CA GLN B 172 -25.47 -8.64 -22.09
C GLN B 172 -23.97 -8.93 -21.85
N TYR B 173 -23.20 -9.20 -22.90
CA TYR B 173 -21.77 -9.47 -22.74
C TYR B 173 -21.01 -8.31 -22.11
N PHE B 174 -20.37 -8.57 -20.98
CA PHE B 174 -19.63 -7.54 -20.27
C PHE B 174 -18.19 -7.98 -19.99
N GLY B 175 -17.68 -8.92 -20.77
CA GLY B 175 -16.34 -9.41 -20.55
C GLY B 175 -15.25 -8.67 -21.32
N GLY B 176 -14.00 -8.89 -20.96
CA GLY B 176 -12.89 -8.25 -21.66
C GLY B 176 -12.39 -7.00 -20.99
N VAL B 177 -12.91 -5.85 -21.42
CA VAL B 177 -12.55 -4.54 -20.89
C VAL B 177 -13.83 -3.78 -20.55
N SER B 178 -13.94 -3.27 -19.33
CA SER B 178 -15.12 -2.53 -18.89
C SER B 178 -14.67 -1.45 -17.93
N ALA B 179 -15.56 -0.51 -17.62
CA ALA B 179 -15.23 0.59 -16.71
C ALA B 179 -16.40 1.01 -15.84
N LEU B 180 -16.11 1.27 -14.58
CA LEU B 180 -17.15 1.72 -13.66
C LEU B 180 -16.60 2.86 -12.83
N SER B 181 -17.42 3.86 -12.59
CA SER B 181 -17.03 4.99 -11.77
C SER B 181 -16.98 4.41 -10.35
N LYS B 182 -16.32 5.10 -9.45
CA LYS B 182 -16.25 4.62 -8.07
C LYS B 182 -17.64 4.28 -7.58
N GLN B 183 -18.54 5.25 -7.72
CA GLN B 183 -19.92 5.16 -7.29
C GLN B 183 -20.71 4.00 -7.91
N GLN B 184 -20.49 3.76 -9.21
CA GLN B 184 -21.18 2.67 -9.89
C GLN B 184 -20.71 1.34 -9.27
N PHE B 185 -19.42 1.26 -9.00
CA PHE B 185 -18.79 0.06 -8.43
C PHE B 185 -19.27 -0.19 -7.00
N LEU B 186 -19.24 0.86 -6.19
CA LEU B 186 -19.69 0.76 -4.81
C LEU B 186 -21.16 0.35 -4.78
N SER B 187 -21.94 0.88 -5.70
CA SER B 187 -23.35 0.60 -5.78
C SER B 187 -23.73 -0.87 -5.93
N ILE B 188 -22.89 -1.65 -6.64
CA ILE B 188 -23.18 -3.08 -6.82
C ILE B 188 -22.39 -3.95 -5.85
N ASN B 189 -21.79 -3.32 -4.84
CA ASN B 189 -20.97 -4.02 -3.84
C ASN B 189 -19.81 -4.68 -4.58
N GLY B 190 -19.29 -3.94 -5.56
CA GLY B 190 -18.18 -4.43 -6.36
C GLY B 190 -18.56 -5.69 -7.11
N PHE B 191 -17.56 -6.51 -7.41
CA PHE B 191 -17.77 -7.74 -8.13
C PHE B 191 -17.78 -8.92 -7.17
N PRO B 192 -18.30 -10.07 -7.62
CA PRO B 192 -18.35 -11.27 -6.78
C PRO B 192 -16.94 -11.79 -6.52
N ASN B 193 -16.75 -12.42 -5.37
CA ASN B 193 -15.47 -13.00 -5.00
C ASN B 193 -15.58 -14.52 -5.11
N ASN B 194 -16.78 -15.02 -5.45
CA ASN B 194 -16.99 -16.47 -5.48
C ASN B 194 -16.99 -17.24 -6.78
N TYR B 195 -16.55 -16.63 -7.87
CA TYR B 195 -16.47 -17.35 -9.15
C TYR B 195 -15.03 -17.75 -9.35
N TRP B 196 -14.73 -19.03 -9.13
CA TRP B 196 -13.39 -19.57 -9.31
C TRP B 196 -13.33 -20.32 -10.62
N GLY B 197 -12.24 -20.15 -11.35
CA GLY B 197 -12.15 -20.80 -12.64
C GLY B 197 -12.72 -19.84 -13.67
N TRP B 198 -12.80 -20.29 -14.91
CA TRP B 198 -13.26 -19.47 -16.02
C TRP B 198 -14.78 -19.29 -16.19
N GLY B 199 -15.14 -18.11 -16.70
CA GLY B 199 -16.51 -17.78 -17.04
C GLY B 199 -17.58 -17.44 -16.04
N GLY B 200 -18.58 -16.72 -16.56
CA GLY B 200 -19.75 -16.34 -15.79
C GLY B 200 -19.67 -15.14 -14.85
N GLU B 201 -18.48 -14.77 -14.43
CA GLU B 201 -18.38 -13.64 -13.50
C GLU B 201 -18.83 -12.35 -14.16
N ASP B 202 -18.70 -12.27 -15.48
CA ASP B 202 -19.11 -11.05 -16.17
C ASP B 202 -20.65 -10.95 -16.27
N ASP B 203 -21.31 -12.10 -16.42
CA ASP B 203 -22.77 -12.14 -16.50
C ASP B 203 -23.33 -11.78 -15.13
N ASP B 204 -22.67 -12.26 -14.08
CA ASP B 204 -23.08 -11.96 -12.73
C ASP B 204 -22.99 -10.44 -12.52
N ILE B 205 -21.91 -9.85 -13.01
CA ILE B 205 -21.69 -8.41 -12.85
C ILE B 205 -22.78 -7.68 -13.60
N TYR B 206 -23.08 -8.15 -14.81
CA TYR B 206 -24.13 -7.55 -15.61
C TYR B 206 -25.44 -7.58 -14.81
N ASN B 207 -25.76 -8.73 -14.21
CA ASN B 207 -26.97 -8.84 -13.41
C ASN B 207 -26.97 -7.78 -12.30
N ARG B 208 -25.81 -7.56 -11.68
CA ARG B 208 -25.69 -6.57 -10.60
C ARG B 208 -26.05 -5.17 -11.09
N LEU B 209 -25.56 -4.85 -12.28
CA LEU B 209 -25.81 -3.54 -12.87
C LEU B 209 -27.29 -3.33 -13.10
N ALA B 210 -27.94 -4.33 -13.68
CA ALA B 210 -29.37 -4.25 -13.99
C ALA B 210 -30.18 -4.13 -12.71
N PHE B 211 -29.87 -4.99 -11.74
CA PHE B 211 -30.55 -5.00 -10.47
C PHE B 211 -30.50 -3.67 -9.74
N ARG B 212 -29.45 -2.90 -9.97
CA ARG B 212 -29.30 -1.57 -9.36
C ARG B 212 -29.83 -0.48 -10.30
N GLY B 213 -30.58 -0.87 -11.32
CA GLY B 213 -31.16 0.08 -12.26
C GLY B 213 -30.24 0.70 -13.30
N MET B 214 -29.02 0.20 -13.44
CA MET B 214 -28.12 0.80 -14.42
C MET B 214 -28.21 0.10 -15.76
N SER B 215 -27.76 0.79 -16.81
CA SER B 215 -27.74 0.24 -18.14
C SER B 215 -26.28 0.24 -18.61
N VAL B 216 -25.98 -0.46 -19.70
CA VAL B 216 -24.60 -0.50 -20.18
C VAL B 216 -24.37 0.46 -21.34
N SER B 217 -23.34 1.28 -21.23
CA SER B 217 -23.02 2.21 -22.30
C SER B 217 -21.94 1.57 -23.17
N ARG B 218 -22.02 1.78 -24.48
CA ARG B 218 -21.04 1.20 -25.39
C ARG B 218 -20.67 2.08 -26.56
N PRO B 219 -19.40 2.04 -26.97
CA PRO B 219 -19.05 2.88 -28.13
C PRO B 219 -19.63 2.03 -29.27
N ASN B 220 -19.67 2.54 -30.49
CA ASN B 220 -20.19 1.74 -31.58
C ASN B 220 -19.13 0.70 -32.03
N ALA B 221 -19.55 -0.30 -32.79
CA ALA B 221 -18.64 -1.36 -33.21
C ALA B 221 -17.45 -0.90 -34.06
N VAL B 222 -17.57 0.26 -34.70
CA VAL B 222 -16.49 0.77 -35.54
C VAL B 222 -15.32 1.23 -34.67
N ILE B 223 -15.67 2.00 -33.65
CA ILE B 223 -14.72 2.57 -32.71
C ILE B 223 -14.20 1.55 -31.70
N GLY B 224 -15.05 0.57 -31.38
CA GLY B 224 -14.72 -0.41 -30.37
C GLY B 224 -14.05 -1.70 -30.77
N LYS B 225 -13.51 -1.77 -31.99
CA LYS B 225 -12.83 -2.98 -32.43
C LYS B 225 -11.61 -3.20 -31.55
N THR B 226 -11.39 -4.44 -31.14
CA THR B 226 -10.23 -4.76 -30.30
C THR B 226 -9.63 -6.07 -30.74
N ARG B 227 -8.31 -6.18 -30.55
CA ARG B 227 -7.59 -7.40 -30.88
C ARG B 227 -7.36 -8.20 -29.61
N HIS B 228 -7.46 -9.52 -29.73
CA HIS B 228 -7.23 -10.41 -28.62
C HIS B 228 -6.03 -11.26 -28.99
N ILE B 229 -5.03 -11.30 -28.13
CA ILE B 229 -3.84 -12.09 -28.42
C ILE B 229 -4.18 -13.57 -28.25
N ARG B 230 -4.32 -14.29 -29.36
CA ARG B 230 -4.64 -15.69 -29.30
C ARG B 230 -3.75 -16.43 -28.30
N HIS B 231 -4.36 -17.25 -27.46
CA HIS B 231 -3.62 -18.00 -26.47
C HIS B 231 -4.31 -19.30 -26.15
N SER B 232 -3.53 -20.23 -25.60
CA SER B 232 -4.05 -21.52 -25.20
C SER B 232 -4.71 -21.32 -23.86
N ARG B 233 -5.38 -22.35 -23.36
CA ARG B 233 -6.06 -22.28 -22.06
C ARG B 233 -5.01 -22.36 -20.95
N ASP B 234 -5.28 -21.68 -19.84
CA ASP B 234 -4.35 -21.68 -18.71
C ASP B 234 -4.74 -22.75 -17.71
N LYS B 235 -3.72 -23.46 -17.21
CA LYS B 235 -3.95 -24.49 -16.20
C LYS B 235 -4.49 -23.71 -14.99
N LYS B 236 -5.44 -24.32 -14.28
CA LYS B 236 -6.05 -23.71 -13.11
C LYS B 236 -7.05 -22.58 -13.39
N ASN B 237 -7.56 -22.51 -14.61
CA ASN B 237 -8.62 -21.54 -14.92
C ASN B 237 -9.58 -22.23 -15.87
N GLU B 238 -9.85 -23.50 -15.55
CA GLU B 238 -10.77 -24.34 -16.33
C GLU B 238 -12.18 -23.82 -16.13
N PRO B 239 -13.07 -24.08 -17.09
CA PRO B 239 -14.46 -23.61 -16.96
C PRO B 239 -15.04 -23.96 -15.58
N ASN B 240 -15.79 -23.02 -15.00
CA ASN B 240 -16.39 -23.23 -13.70
C ASN B 240 -17.80 -23.82 -13.81
N PRO B 241 -17.95 -25.13 -13.56
CA PRO B 241 -19.26 -25.78 -13.65
C PRO B 241 -20.37 -25.16 -12.82
N GLN B 242 -20.00 -24.51 -11.72
CA GLN B 242 -20.97 -23.85 -10.86
C GLN B 242 -21.51 -22.53 -11.42
N ARG B 243 -20.83 -21.97 -12.41
CA ARG B 243 -21.24 -20.66 -12.91
C ARG B 243 -22.71 -20.47 -13.31
N PHE B 244 -23.31 -21.51 -13.88
CA PHE B 244 -24.70 -21.39 -14.32
C PHE B 244 -25.65 -21.14 -13.17
N ASP B 245 -25.52 -21.93 -12.11
CA ASP B 245 -26.38 -21.78 -10.95
C ASP B 245 -26.13 -20.45 -10.24
N ARG B 246 -24.87 -20.04 -10.19
CA ARG B 246 -24.51 -18.79 -9.52
C ARG B 246 -25.10 -17.61 -10.25
N ILE B 247 -25.11 -17.66 -11.58
CA ILE B 247 -25.69 -16.60 -12.39
C ILE B 247 -27.21 -16.51 -12.15
N ALA B 248 -27.85 -17.64 -11.88
CA ALA B 248 -29.28 -17.63 -11.64
C ALA B 248 -29.59 -16.95 -10.31
N HIS B 249 -28.63 -16.97 -9.38
CA HIS B 249 -28.90 -16.37 -8.08
C HIS B 249 -28.20 -15.06 -7.75
N THR B 250 -27.74 -14.33 -8.76
CA THR B 250 -27.03 -13.09 -8.48
C THR B 250 -27.82 -12.17 -7.54
N LYS B 251 -29.10 -11.97 -7.82
CA LYS B 251 -29.93 -11.11 -6.99
C LYS B 251 -29.84 -11.43 -5.49
N GLU B 252 -29.85 -12.72 -5.15
CA GLU B 252 -29.79 -13.14 -3.76
C GLU B 252 -28.41 -13.22 -3.12
N THR B 253 -27.36 -13.06 -3.92
CA THR B 253 -26.00 -13.16 -3.39
C THR B 253 -25.14 -11.90 -3.50
N MET B 254 -25.46 -11.05 -4.47
CA MET B 254 -24.66 -9.87 -4.75
C MET B 254 -24.33 -8.95 -3.58
N LEU B 255 -25.25 -8.82 -2.62
CA LEU B 255 -25.01 -7.93 -1.51
C LEU B 255 -24.19 -8.56 -0.39
N SER B 256 -24.01 -9.88 -0.45
CA SER B 256 -23.22 -10.59 0.56
C SER B 256 -21.85 -10.99 0.02
N ASP B 257 -21.74 -11.09 -1.30
CA ASP B 257 -20.46 -11.46 -1.92
C ASP B 257 -19.91 -10.33 -2.81
N GLY B 258 -18.96 -9.60 -2.26
CA GLY B 258 -18.35 -8.50 -2.97
C GLY B 258 -17.40 -7.75 -2.06
N LEU B 259 -17.35 -6.43 -2.23
CA LEU B 259 -16.48 -5.57 -1.43
C LEU B 259 -16.60 -5.76 0.08
N ASN B 260 -17.84 -5.83 0.56
CA ASN B 260 -18.07 -5.96 2.00
C ASN B 260 -17.58 -7.29 2.57
N SER B 261 -17.31 -8.27 1.72
CA SER B 261 -16.85 -9.56 2.25
C SER B 261 -15.50 -9.99 1.67
N LEU B 262 -14.81 -9.04 1.08
CA LEU B 262 -13.51 -9.26 0.47
C LEU B 262 -12.37 -9.37 1.47
N THR B 263 -11.61 -10.45 1.40
CA THR B 263 -10.43 -10.62 2.25
C THR B 263 -9.31 -11.12 1.36
N TYR B 264 -8.10 -10.61 1.62
CA TYR B 264 -6.94 -10.98 0.84
C TYR B 264 -5.74 -10.49 1.62
N MET B 265 -4.57 -10.94 1.20
CA MET B 265 -3.34 -10.52 1.83
C MET B 265 -2.34 -10.11 0.74
N VAL B 266 -1.85 -8.88 0.84
CA VAL B 266 -0.89 -8.36 -0.11
C VAL B 266 0.47 -8.90 0.32
N LEU B 267 1.09 -9.72 -0.53
CA LEU B 267 2.36 -10.29 -0.16
C LEU B 267 3.51 -9.42 -0.62
N GLU B 268 3.25 -8.59 -1.63
CA GLU B 268 4.31 -7.76 -2.18
C GLU B 268 3.85 -6.75 -3.21
N VAL B 269 4.54 -5.62 -3.25
CA VAL B 269 4.25 -4.56 -4.19
C VAL B 269 5.57 -4.13 -4.83
N GLN B 270 5.63 -4.16 -6.16
CA GLN B 270 6.81 -3.73 -6.89
C GLN B 270 6.36 -2.58 -7.80
N ARG B 271 6.98 -1.41 -7.67
CA ARG B 271 6.59 -0.29 -8.53
C ARG B 271 7.53 -0.13 -9.71
N TYR B 272 7.13 -0.64 -10.86
CA TYR B 272 7.95 -0.53 -12.06
C TYR B 272 7.64 0.77 -12.78
N PRO B 273 8.52 1.19 -13.69
CA PRO B 273 8.30 2.43 -14.44
C PRO B 273 6.99 2.50 -15.25
N LEU B 274 6.48 1.36 -15.69
CA LEU B 274 5.27 1.35 -16.50
C LEU B 274 4.00 0.82 -15.80
N TYR B 275 4.13 0.37 -14.56
CA TYR B 275 2.97 -0.12 -13.83
C TYR B 275 3.33 -0.57 -12.42
N THR B 276 2.31 -0.68 -11.56
CA THR B 276 2.49 -1.16 -10.20
C THR B 276 2.01 -2.60 -10.19
N LYS B 277 2.85 -3.50 -9.71
CA LYS B 277 2.50 -4.91 -9.65
C LYS B 277 2.20 -5.29 -8.20
N ILE B 278 0.98 -5.74 -7.95
CA ILE B 278 0.62 -6.11 -6.60
C ILE B 278 0.40 -7.61 -6.54
N THR B 279 1.24 -8.31 -5.79
CA THR B 279 1.12 -9.76 -5.65
C THR B 279 0.29 -10.09 -4.41
N VAL B 280 -0.83 -10.76 -4.62
CA VAL B 280 -1.73 -11.06 -3.53
C VAL B 280 -2.15 -12.49 -3.35
N ASP B 281 -2.40 -12.83 -2.09
CA ASP B 281 -2.89 -14.16 -1.74
C ASP B 281 -4.41 -13.97 -1.57
N ILE B 282 -5.19 -14.50 -2.49
CA ILE B 282 -6.64 -14.33 -2.41
C ILE B 282 -7.38 -15.59 -1.99
N GLY B 283 -6.70 -16.51 -1.35
CA GLY B 283 -7.37 -17.72 -0.88
C GLY B 283 -7.65 -18.77 -1.95
N THR B 284 -8.56 -19.68 -1.61
CA THR B 284 -8.92 -20.79 -2.48
C THR B 284 -10.43 -21.03 -2.47
N PRO B 285 -10.95 -21.72 -3.50
CA PRO B 285 -12.39 -21.97 -3.50
C PRO B 285 -12.71 -22.85 -2.31
N SER B 286 -13.90 -22.70 -1.76
CA SER B 286 -14.34 -23.47 -0.61
C SER B 286 -15.62 -22.83 -0.07
N1 GDU C . 19.21 5.00 10.87
C2 GDU C . 19.39 3.92 9.98
N3 GDU C . 20.45 4.09 9.10
C4 GDU C . 21.32 5.19 9.03
C5 GDU C . 21.05 6.24 9.98
C6 GDU C . 20.05 6.13 10.85
O2 GDU C . 18.72 2.91 9.92
O4 GDU C . 22.17 5.17 8.20
C1D GDU C . 18.10 4.90 11.84
C2D GDU C . 18.20 3.79 12.88
O2D GDU C . 16.86 3.37 13.20
C3D GDU C . 18.91 4.48 14.04
C4D GDU C . 18.21 5.84 13.95
O4D GDU C . 17.83 6.08 12.57
O3D GDU C . 18.63 3.81 15.27
C5D GDU C . 19.08 6.93 14.56
O5D GDU C . 20.37 7.04 14.00
PA GDU C . 21.60 6.63 14.96
O1A GDU C . 21.31 5.41 15.96
O2A GDU C . 22.93 6.83 14.42
O3A GDU C . 21.37 7.76 15.93
PB GDU C . 21.80 8.01 17.38
O1B GDU C . 22.14 6.81 18.18
O2B GDU C . 22.36 9.32 17.80
O3B GDU C . 20.28 8.16 17.81
C1' GDU C . 19.77 9.22 18.68
C2' GDU C . 18.26 9.04 18.98
C3' GDU C . 17.45 9.09 17.68
C4' GDU C . 17.67 10.36 16.91
C5' GDU C . 19.20 10.63 16.72
C6' GDU C . 19.56 12.00 16.09
O2' GDU C . 17.99 7.82 19.70
O3' GDU C . 16.08 8.81 17.86
O4' GDU C . 17.05 11.43 17.64
O5' GDU C . 19.93 10.52 17.99
O6' GDU C . 18.79 12.24 14.92
MN MN D . 21.88 4.55 17.60
S SO4 E . -3.07 6.15 30.39
O1 SO4 E . -4.65 6.52 30.28
O2 SO4 E . -2.96 5.35 31.60
O3 SO4 E . -2.68 5.51 29.32
O4 SO4 E . -2.45 7.44 30.63
S SO4 F . 29.28 -0.82 13.34
O1 SO4 F . 27.77 -1.08 12.78
O2 SO4 F . 29.42 -1.69 14.50
O3 SO4 F . 30.16 -1.09 12.40
O4 SO4 F . 29.24 0.54 13.78
S SO4 G . 32.51 1.18 28.59
O1 SO4 G . 32.82 -0.07 27.58
O2 SO4 G . 33.30 0.91 29.76
O3 SO4 G . 32.79 2.31 28.01
O4 SO4 G . 31.11 0.98 28.89
O1 MES H . 9.35 15.52 -0.81
C2 MES H . 10.36 16.54 -0.52
C3 MES H . 10.99 17.00 -1.86
N4 MES H . 11.71 15.79 -2.46
C5 MES H . 10.69 14.66 -2.71
C6 MES H . 9.95 14.31 -1.42
C7 MES H . 12.41 16.08 -3.79
C8 MES H . 13.72 15.35 -3.84
S MES H . 14.56 15.61 -5.39
O1S MES H . 13.66 15.12 -6.45
O2S MES H . 15.82 14.84 -5.32
O3S MES H . 14.78 17.07 -5.48
N1 GDU I . -5.60 -14.45 -16.47
C2 GDU I . -4.23 -14.49 -16.14
N3 GDU I . -3.75 -15.77 -15.94
C4 GDU I . -4.45 -16.98 -16.03
C5 GDU I . -5.84 -16.85 -16.37
C6 GDU I . -6.37 -15.64 -16.59
O2 GDU I . -3.47 -13.52 -16.02
O4 GDU I . -3.83 -18.00 -15.80
C1D GDU I . -6.20 -13.13 -16.71
C2D GDU I . -5.77 -12.42 -17.99
O2D GDU I . -5.82 -10.99 -17.74
C3D GDU I . -6.80 -12.88 -18.98
C4D GDU I . -8.03 -12.83 -18.09
O4D GDU I . -7.60 -13.08 -16.74
O3D GDU I . -6.89 -11.96 -20.07
C5D GDU I . -9.09 -13.78 -18.61
O5D GDU I . -8.64 -15.12 -18.85
PA GDU I . -8.51 -15.58 -20.37
O1A GDU I . -7.98 -14.42 -21.37
O2A GDU I . -8.14 -16.98 -20.60
O3A GDU I . -9.98 -15.52 -20.71
PB GDU I . -10.78 -15.46 -22.04
O1B GDU I . -10.05 -14.95 -23.24
O2B GDU I . -11.99 -16.29 -22.24
O3B GDU I . -11.43 -14.09 -21.60
C1' GDU I . -12.86 -13.82 -21.60
C2' GDU I . -13.13 -12.38 -21.15
C3' GDU I . -12.72 -12.17 -19.68
C4' GDU I . -13.42 -13.15 -18.75
C5' GDU I . -13.18 -14.60 -19.25
C6' GDU I . -13.95 -15.67 -18.46
O2' GDU I . -12.45 -11.46 -22.01
O3' GDU I . -12.90 -10.85 -19.24
O4' GDU I . -14.82 -12.86 -18.74
O5' GDU I . -13.57 -14.73 -20.66
O6' GDU I . -13.88 -15.46 -17.06
MN MN J . -7.94 -14.09 -23.33
S SO4 K . -20.50 10.77 -20.17
O1 SO4 K . -21.48 9.47 -20.13
O2 SO4 K . -21.32 11.85 -19.65
O3 SO4 K . -19.42 10.57 -19.46
O4 SO4 K . -20.28 10.97 -21.58
S SO4 L . 0.32 -19.63 -25.57
O1 SO4 L . 0.97 -20.64 -24.47
O2 SO4 L . -1.01 -19.36 -25.06
O3 SO4 L . 1.05 -18.55 -25.67
O4 SO4 L . 0.23 -20.45 -26.75
S SO4 M . -5.15 -25.67 -25.41
O1 SO4 M . -3.97 -25.79 -24.29
O2 SO4 M . -5.71 -27.01 -25.49
O3 SO4 M . -6.03 -24.77 -25.06
O4 SO4 M . -4.42 -25.39 -26.63
S SO4 N . 9.64 9.12 -12.13
O1 SO4 N . 9.89 10.64 -12.66
O2 SO4 N . 10.71 8.87 -11.19
O3 SO4 N . 8.45 9.01 -11.60
O4 SO4 N . 9.87 8.32 -13.32
#